data_6Q4F
#
_entry.id   6Q4F
#
_cell.length_a   53.187
_cell.length_b   71.467
_cell.length_c   72.042
_cell.angle_alpha   90.00
_cell.angle_beta   90.00
_cell.angle_gamma   90.00
#
_symmetry.space_group_name_H-M   'P 21 21 21'
#
loop_
_entity.id
_entity.type
_entity.pdbx_description
1 polymer 'Cyclin-dependent kinase 2'
2 non-polymer PYRIDINE-2,6-DIAMINE
3 water water
#
_entity_poly.entity_id   1
_entity_poly.type   'polypeptide(L)'
_entity_poly.pdbx_seq_one_letter_code
;GPLGSPEFMENFQKVEKIGEGTYGVVYKARNKLTGEVVALKKIRLDTETEGVPSTAIREISLLKELNHPNIVKLLDVIHT
ENKLYLVFEFLHQDLKKFMDASALTGIPLPLIKSYLFQLLQGLAFCHSHRVLHRDLKPQNLLINTEGAIKLADFGLARAF
GVPVRTYTHEVVTLWYRAPEILLG(OCS)KYYSTAVDIWSLGCIFAEMVTRRALFPGDSEIDQLFRIFRTLGTPDEVVWP
GVTSMPDYKPSFPKWARQDFSKVVPPLDEDGRSLLSQMLHYDPNKRISAKAALAHPFFQDVTKPVPHLRL
;
_entity_poly.pdbx_strand_id   A
#
loop_
_chem_comp.id
_chem_comp.type
_chem_comp.name
_chem_comp.formula
26D non-polymer PYRIDINE-2,6-DIAMINE 'C5 H7 N3'
#
# COMPACT_ATOMS: atom_id res chain seq x y z
N GLU A 7 -19.01 -26.09 5.86
CA GLU A 7 -19.78 -26.15 7.20
C GLU A 7 -19.19 -25.07 8.09
N PHE A 8 -18.00 -24.59 7.71
CA PHE A 8 -17.26 -23.53 8.47
C PHE A 8 -18.09 -22.24 8.54
N MET A 9 -18.98 -21.99 7.56
CA MET A 9 -19.77 -20.72 7.61
C MET A 9 -20.90 -20.77 8.66
N GLU A 10 -21.19 -21.94 9.20
CA GLU A 10 -22.18 -22.11 10.29
C GLU A 10 -21.59 -21.52 11.58
N ASN A 11 -20.29 -21.15 11.55
CA ASN A 11 -19.59 -20.57 12.73
C ASN A 11 -19.69 -19.04 12.69
N PHE A 12 -20.59 -18.53 11.85
CA PHE A 12 -20.89 -17.11 11.62
C PHE A 12 -22.40 -16.99 11.55
N GLN A 13 -22.93 -15.93 12.17
CA GLN A 13 -24.35 -15.75 12.52
C GLN A 13 -25.06 -15.20 11.28
N LYS A 14 -24.29 -14.41 10.53
CA LYS A 14 -24.66 -13.80 9.25
C LYS A 14 -23.36 -13.56 8.50
N VAL A 15 -23.44 -13.68 7.18
CA VAL A 15 -22.30 -13.47 6.27
C VAL A 15 -22.77 -12.71 5.03
N GLU A 16 -22.32 -11.46 4.82
CA GLU A 16 -22.67 -10.65 3.63
C GLU A 16 -21.42 -10.20 2.86
N LYS A 17 -21.50 -10.18 1.53
CA LYS A 17 -20.37 -9.78 0.66
C LYS A 17 -20.12 -8.27 0.82
N ILE A 18 -18.87 -7.89 1.14
CA ILE A 18 -18.32 -6.50 1.26
C ILE A 18 -17.83 -6.09 -0.10
N GLY A 19 -17.06 -6.98 -0.72
CA GLY A 19 -16.40 -6.63 -1.99
C GLY A 19 -15.61 -7.79 -2.55
N GLU A 20 -14.83 -7.48 -3.57
CA GLU A 20 -14.04 -8.45 -4.34
C GLU A 20 -12.58 -8.09 -4.12
N GLY A 21 -11.84 -8.96 -3.42
CA GLY A 21 -10.44 -8.71 -3.06
C GLY A 21 -9.52 -9.17 -4.17
N THR A 22 -8.22 -9.00 -3.98
CA THR A 22 -7.19 -9.51 -4.93
C THR A 22 -7.40 -11.02 -5.12
N TYR A 23 -7.66 -11.78 -4.04
CA TYR A 23 -7.55 -13.26 -4.03
C TYR A 23 -8.92 -13.95 -3.90
N GLY A 24 -9.98 -13.20 -3.65
CA GLY A 24 -11.27 -13.84 -3.42
C GLY A 24 -12.25 -12.86 -2.84
N VAL A 25 -13.45 -13.34 -2.64
CA VAL A 25 -14.57 -12.56 -2.09
C VAL A 25 -14.22 -12.14 -0.66
N VAL A 26 -14.67 -10.95 -0.25
CA VAL A 26 -14.57 -10.46 1.13
C VAL A 26 -15.97 -10.32 1.70
N TYR A 27 -16.18 -10.91 2.85
CA TYR A 27 -17.46 -10.89 3.57
C TYR A 27 -17.27 -10.10 4.85
N LYS A 28 -18.33 -9.45 5.27
CA LYS A 28 -18.53 -9.06 6.68
C LYS A 28 -19.31 -10.19 7.31
N ALA A 29 -18.91 -10.58 8.51
CA ALA A 29 -19.47 -11.77 9.17
C ALA A 29 -19.46 -11.58 10.68
N ARG A 30 -20.37 -12.29 11.36
CA ARG A 30 -20.48 -12.22 12.84
C ARG A 30 -20.16 -13.59 13.43
N ASN A 31 -19.07 -13.69 14.18
CA ASN A 31 -18.64 -14.97 14.79
C ASN A 31 -19.72 -15.39 15.79
N LYS A 32 -20.19 -16.62 15.69
CA LYS A 32 -21.38 -17.11 16.44
C LYS A 32 -21.09 -17.18 17.93
N LEU A 33 -19.91 -17.68 18.31
CA LEU A 33 -19.59 -17.89 19.75
C LEU A 33 -19.32 -16.54 20.44
N THR A 34 -18.51 -15.68 19.80
CA THR A 34 -17.96 -14.44 20.41
C THR A 34 -18.85 -13.23 20.11
N GLY A 35 -19.64 -13.27 19.03
CA GLY A 35 -20.44 -12.14 18.54
C GLY A 35 -19.59 -11.09 17.82
N GLU A 36 -18.31 -11.34 17.63
CA GLU A 36 -17.51 -10.25 17.03
CA GLU A 36 -17.44 -10.31 17.02
C GLU A 36 -17.78 -10.21 15.52
N VAL A 37 -17.74 -9.01 15.01
CA VAL A 37 -17.89 -8.70 13.56
C VAL A 37 -16.49 -8.65 12.98
N VAL A 38 -16.33 -9.39 11.89
CA VAL A 38 -15.03 -9.62 11.24
C VAL A 38 -15.16 -9.45 9.75
N ALA A 39 -13.99 -9.30 9.11
CA ALA A 39 -13.89 -9.48 7.67
C ALA A 39 -13.40 -10.90 7.40
N LEU A 40 -14.01 -11.55 6.44
N LEU A 40 -14.13 -11.62 6.56
CA LEU A 40 -13.69 -12.94 6.11
CA LEU A 40 -13.79 -12.95 6.01
C LEU A 40 -13.33 -12.97 4.63
C LEU A 40 -13.23 -12.74 4.61
N LYS A 41 -12.08 -13.33 4.32
CA LYS A 41 -11.51 -13.33 2.95
C LYS A 41 -11.29 -14.76 2.50
N LYS A 42 -11.98 -15.12 1.44
CA LYS A 42 -11.72 -16.39 0.72
C LYS A 42 -10.51 -16.21 -0.21
N ILE A 43 -9.56 -17.12 -0.13
CA ILE A 43 -8.35 -17.15 -1.01
C ILE A 43 -8.56 -18.26 -2.03
N ARG A 44 -8.68 -17.95 -3.33
CA ARG A 44 -8.95 -19.01 -4.35
C ARG A 44 -7.63 -19.63 -4.82
N LEU A 45 -7.68 -20.89 -5.27
CA LEU A 45 -6.52 -21.69 -5.75
C LEU A 45 -6.79 -22.18 -7.18
N PRO A 53 -1.93 -25.61 -0.55
CA PRO A 53 -0.51 -25.31 -0.84
C PRO A 53 0.28 -24.95 0.43
N SER A 54 1.08 -25.89 0.94
CA SER A 54 1.54 -25.93 2.36
C SER A 54 2.52 -24.77 2.69
N THR A 55 3.36 -24.36 1.75
CA THR A 55 4.27 -23.23 1.99
C THR A 55 3.49 -21.95 2.37
N ALA A 56 2.40 -21.63 1.64
CA ALA A 56 1.57 -20.44 1.89
C ALA A 56 0.92 -20.53 3.28
N ILE A 57 0.48 -21.72 3.71
CA ILE A 57 -0.17 -21.89 5.03
C ILE A 57 0.83 -21.51 6.13
N ARG A 58 2.07 -22.02 6.04
CA ARG A 58 3.10 -21.76 7.10
C ARG A 58 3.53 -20.29 7.13
N GLU A 59 3.46 -19.61 5.99
CA GLU A 59 3.91 -18.19 5.87
C GLU A 59 2.78 -17.34 6.45
N ILE A 60 1.54 -17.60 6.00
N ILE A 60 1.53 -17.59 6.05
CA ILE A 60 0.37 -16.81 6.43
CA ILE A 60 0.41 -16.72 6.49
C ILE A 60 0.21 -16.98 7.95
C ILE A 60 0.08 -16.99 7.96
N SER A 61 0.28 -18.22 8.45
CA SER A 61 0.05 -18.50 9.89
C SER A 61 1.00 -17.69 10.76
N LEU A 62 2.25 -17.45 10.30
CA LEU A 62 3.24 -16.64 11.06
C LEU A 62 2.72 -15.20 11.22
N LEU A 63 1.91 -14.69 10.30
CA LEU A 63 1.40 -13.30 10.37
C LEU A 63 0.41 -13.13 11.53
N LYS A 64 -0.12 -14.21 12.13
CA LYS A 64 -1.00 -14.06 13.33
C LYS A 64 -0.24 -13.39 14.49
N GLU A 65 1.07 -13.55 14.53
CA GLU A 65 1.89 -12.90 15.59
C GLU A 65 2.28 -11.45 15.25
N LEU A 66 2.08 -10.97 14.02
CA LEU A 66 2.64 -9.66 13.56
C LEU A 66 1.59 -8.58 13.91
N ASN A 67 1.48 -8.28 15.21
CA ASN A 67 0.40 -7.45 15.77
C ASN A 67 0.90 -6.04 16.10
N HIS A 68 0.17 -5.08 15.62
CA HIS A 68 0.50 -3.66 15.81
C HIS A 68 -0.77 -2.85 15.62
N PRO A 69 -0.90 -1.70 16.32
CA PRO A 69 -2.14 -0.96 16.22
C PRO A 69 -2.47 -0.40 14.82
N ASN A 70 -1.42 -0.26 13.96
CA ASN A 70 -1.61 0.23 12.58
C ASN A 70 -1.55 -0.89 11.57
N ILE A 71 -1.69 -2.13 11.99
CA ILE A 71 -1.80 -3.30 11.11
C ILE A 71 -3.15 -3.97 11.37
N VAL A 72 -3.92 -4.16 10.35
CA VAL A 72 -5.23 -4.86 10.51
C VAL A 72 -4.95 -6.24 11.08
N LYS A 73 -5.63 -6.56 12.20
CA LYS A 73 -5.29 -7.80 12.91
C LYS A 73 -5.80 -9.03 12.13
N LEU A 74 -4.90 -9.98 11.94
CA LEU A 74 -5.16 -11.32 11.40
C LEU A 74 -5.57 -12.22 12.57
N LEU A 75 -6.88 -12.50 12.68
CA LEU A 75 -7.43 -13.26 13.81
C LEU A 75 -7.21 -14.77 13.62
N ASP A 76 -7.47 -15.29 12.42
CA ASP A 76 -7.36 -16.74 12.17
C ASP A 76 -7.15 -17.04 10.71
N VAL A 77 -6.55 -18.19 10.51
CA VAL A 77 -6.29 -18.80 9.18
C VAL A 77 -7.01 -20.14 9.20
N ILE A 78 -7.96 -20.34 8.31
CA ILE A 78 -8.73 -21.60 8.21
C ILE A 78 -8.45 -22.27 6.87
N HIS A 79 -7.93 -23.53 6.90
CA HIS A 79 -7.77 -24.37 5.69
C HIS A 79 -8.76 -25.52 5.78
N THR A 80 -9.73 -25.56 4.86
CA THR A 80 -10.86 -26.54 4.82
C THR A 80 -11.32 -26.75 3.39
N GLU A 81 -11.60 -28.01 3.04
CA GLU A 81 -12.22 -28.43 1.77
C GLU A 81 -11.36 -27.87 0.64
N ASN A 82 -10.04 -27.89 0.86
CA ASN A 82 -9.02 -27.33 -0.07
C ASN A 82 -9.26 -25.84 -0.38
N LYS A 83 -9.92 -25.12 0.53
CA LYS A 83 -10.10 -23.63 0.47
C LYS A 83 -9.49 -22.99 1.73
N LEU A 84 -8.98 -21.78 1.57
CA LEU A 84 -8.31 -21.00 2.63
C LEU A 84 -9.14 -19.76 2.91
N TYR A 85 -9.43 -19.49 4.19
CA TYR A 85 -10.16 -18.28 4.62
C TYR A 85 -9.28 -17.57 5.63
N LEU A 86 -9.22 -16.27 5.50
CA LEU A 86 -8.54 -15.45 6.51
C LEU A 86 -9.57 -14.60 7.21
N VAL A 87 -9.47 -14.60 8.52
CA VAL A 87 -10.38 -13.83 9.38
C VAL A 87 -9.59 -12.62 9.88
N PHE A 88 -10.08 -11.45 9.57
CA PHE A 88 -9.44 -10.20 9.98
C PHE A 88 -10.37 -9.37 10.84
N GLU A 89 -9.76 -8.50 11.62
CA GLU A 89 -10.38 -7.30 12.21
C GLU A 89 -11.17 -6.57 11.12
N PHE A 90 -12.34 -6.07 11.50
CA PHE A 90 -13.22 -5.32 10.59
C PHE A 90 -13.02 -3.83 10.83
N LEU A 91 -12.84 -3.08 9.72
CA LEU A 91 -12.97 -1.62 9.79
C LEU A 91 -13.95 -1.15 8.73
N HIS A 92 -14.59 -0.02 9.00
CA HIS A 92 -15.78 0.39 8.24
C HIS A 92 -15.47 1.08 6.91
N GLN A 93 -14.28 1.63 6.68
CA GLN A 93 -14.02 2.50 5.53
C GLN A 93 -12.56 2.30 5.09
N ASP A 94 -12.35 2.41 3.80
CA ASP A 94 -10.97 2.43 3.23
C ASP A 94 -10.61 3.85 2.77
N LEU A 95 -9.30 4.07 2.56
CA LEU A 95 -8.82 5.42 2.21
C LEU A 95 -9.27 5.79 0.80
N LYS A 96 -9.45 4.82 -0.09
CA LYS A 96 -9.95 5.15 -1.45
C LYS A 96 -11.33 5.80 -1.33
N LYS A 97 -12.21 5.19 -0.56
CA LYS A 97 -13.58 5.74 -0.43
C LYS A 97 -13.51 7.12 0.23
N PHE A 98 -12.68 7.23 1.26
CA PHE A 98 -12.54 8.48 2.05
C PHE A 98 -11.96 9.59 1.16
N MET A 99 -11.01 9.29 0.29
N MET A 99 -10.94 9.25 0.39
CA MET A 99 -10.50 10.36 -0.61
CA MET A 99 -10.38 10.16 -0.65
C MET A 99 -11.53 10.70 -1.69
C MET A 99 -11.55 10.65 -1.51
N ASP A 100 -12.26 9.71 -2.18
CA ASP A 100 -13.37 10.03 -3.13
C ASP A 100 -14.36 10.96 -2.43
N ALA A 101 -14.74 10.66 -1.18
CA ALA A 101 -15.74 11.43 -0.41
C ALA A 101 -15.23 12.82 -0.03
N SER A 102 -13.93 13.02 0.08
CA SER A 102 -13.23 14.28 0.44
C SER A 102 -12.78 15.06 -0.80
N ALA A 103 -13.18 14.66 -2.01
CA ALA A 103 -12.70 15.23 -3.30
C ALA A 103 -12.96 16.75 -3.39
N LEU A 104 -14.09 17.23 -2.89
CA LEU A 104 -14.45 18.65 -3.14
C LEU A 104 -13.48 19.55 -2.38
N THR A 105 -13.06 19.14 -1.18
CA THR A 105 -12.31 19.98 -0.22
C THR A 105 -10.87 19.47 -0.06
N GLY A 106 -10.68 18.17 -0.27
CA GLY A 106 -9.44 17.47 0.08
C GLY A 106 -9.41 17.07 1.54
N ILE A 107 -8.64 16.06 1.86
CA ILE A 107 -8.30 15.71 3.27
C ILE A 107 -7.46 16.83 3.88
N PRO A 108 -7.84 17.38 5.06
CA PRO A 108 -7.03 18.43 5.69
C PRO A 108 -5.59 17.97 5.92
N LEU A 109 -4.62 18.87 5.74
CA LEU A 109 -3.18 18.51 5.91
C LEU A 109 -2.93 17.85 7.26
N PRO A 110 -3.51 18.31 8.39
CA PRO A 110 -3.20 17.65 9.65
C PRO A 110 -3.59 16.18 9.67
N LEU A 111 -4.66 15.86 8.97
CA LEU A 111 -5.15 14.46 8.91
C LEU A 111 -4.31 13.67 7.90
N ILE A 112 -3.93 14.28 6.76
CA ILE A 112 -2.94 13.60 5.87
C ILE A 112 -1.68 13.24 6.67
N LYS A 113 -1.20 14.23 7.42
CA LYS A 113 0.03 14.06 8.22
C LYS A 113 -0.12 12.91 9.23
N SER A 114 -1.22 12.93 9.97
CA SER A 114 -1.51 11.88 10.98
C SER A 114 -1.54 10.51 10.31
N TYR A 115 -2.21 10.41 9.18
CA TYR A 115 -2.34 9.15 8.46
C TYR A 115 -0.97 8.64 8.00
N LEU A 116 -0.21 9.56 7.40
CA LEU A 116 1.14 9.16 6.93
C LEU A 116 2.02 8.72 8.08
N PHE A 117 1.92 9.42 9.19
CA PHE A 117 2.70 9.09 10.40
C PHE A 117 2.39 7.69 10.90
N GLN A 118 1.06 7.43 11.00
CA GLN A 118 0.58 6.11 11.46
C GLN A 118 1.01 5.00 10.50
N LEU A 119 0.84 5.27 9.19
CA LEU A 119 1.21 4.24 8.20
C LEU A 119 2.73 3.92 8.27
N LEU A 120 3.53 4.98 8.45
CA LEU A 120 4.98 4.75 8.62
C LEU A 120 5.27 3.94 9.87
N GLN A 121 4.48 4.16 10.94
CA GLN A 121 4.68 3.34 12.15
C GLN A 121 4.36 1.86 11.85
N GLY A 122 3.29 1.61 11.13
CA GLY A 122 2.98 0.23 10.78
C GLY A 122 4.07 -0.38 9.90
N LEU A 123 4.54 0.37 8.89
CA LEU A 123 5.63 -0.16 8.05
C LEU A 123 6.85 -0.39 8.93
N ALA A 124 7.21 0.58 9.77
CA ALA A 124 8.43 0.41 10.56
C ALA A 124 8.36 -0.89 11.36
N PHE A 125 7.18 -1.19 11.94
CA PHE A 125 6.99 -2.41 12.73
C PHE A 125 7.22 -3.62 11.82
N CYS A 126 6.48 -3.69 10.74
CA CYS A 126 6.55 -4.90 9.89
C CYS A 126 7.97 -5.10 9.33
N HIS A 127 8.55 -4.01 8.84
CA HIS A 127 9.92 -4.04 8.28
C HIS A 127 10.94 -4.49 9.32
N SER A 128 10.76 -4.14 10.59
CA SER A 128 11.65 -4.54 11.69
C SER A 128 11.57 -6.06 11.90
N HIS A 129 10.46 -6.68 11.50
CA HIS A 129 10.22 -8.14 11.60
C HIS A 129 10.45 -8.82 10.25
N ARG A 130 11.04 -8.10 9.29
CA ARG A 130 11.39 -8.62 7.93
C ARG A 130 10.12 -9.10 7.23
N VAL A 131 9.05 -8.33 7.34
CA VAL A 131 7.82 -8.63 6.60
C VAL A 131 7.54 -7.40 5.72
N LEU A 132 7.34 -7.57 4.43
N LEU A 132 7.26 -7.70 4.45
CA LEU A 132 6.93 -6.39 3.65
CA LEU A 132 6.95 -6.69 3.40
C LEU A 132 5.59 -6.70 2.97
C LEU A 132 5.44 -6.72 3.12
N HIS A 133 4.90 -5.64 2.57
CA HIS A 133 3.54 -5.68 2.01
C HIS A 133 3.62 -6.01 0.54
N ARG A 134 4.34 -5.20 -0.24
N ARG A 134 4.24 -5.08 -0.21
CA ARG A 134 4.57 -5.34 -1.72
CA ARG A 134 4.58 -5.12 -1.65
C ARG A 134 3.39 -4.76 -2.51
C ARG A 134 3.37 -4.79 -2.53
N ASP A 135 2.19 -4.60 -1.96
CA ASP A 135 1.04 -4.17 -2.79
C ASP A 135 0.21 -3.15 -2.01
N LEU A 136 0.82 -2.14 -1.45
CA LEU A 136 0.09 -1.04 -0.83
C LEU A 136 -0.72 -0.27 -1.83
N LYS A 137 -1.91 0.16 -1.43
CA LYS A 137 -2.79 0.92 -2.31
C LYS A 137 -3.89 1.49 -1.43
N PRO A 138 -4.57 2.55 -1.80
CA PRO A 138 -5.59 3.15 -0.93
C PRO A 138 -6.65 2.15 -0.47
N GLN A 139 -7.02 1.20 -1.35
N GLN A 139 -6.99 1.16 -1.30
CA GLN A 139 -8.01 0.12 -1.10
CA GLN A 139 -8.09 0.25 -0.95
C GLN A 139 -7.64 -0.60 0.22
C GLN A 139 -7.63 -0.81 0.08
N ASN A 140 -6.35 -0.85 0.49
CA ASN A 140 -5.89 -1.68 1.61
C ASN A 140 -5.41 -0.87 2.79
N LEU A 141 -5.81 0.38 2.82
CA LEU A 141 -5.58 1.22 4.00
C LEU A 141 -6.95 1.55 4.61
N LEU A 142 -7.17 1.04 5.80
CA LEU A 142 -8.52 1.06 6.42
C LEU A 142 -8.52 2.07 7.55
N ILE A 143 -9.65 2.79 7.69
CA ILE A 143 -9.77 3.85 8.70
C ILE A 143 -10.96 3.57 9.63
N ASN A 144 -10.85 4.14 10.82
CA ASN A 144 -11.98 4.06 11.79
C ASN A 144 -12.35 5.47 12.23
N THR A 145 -13.37 5.56 13.07
CA THR A 145 -13.95 6.84 13.55
C THR A 145 -13.01 7.55 14.53
N GLU A 146 -12.00 6.86 15.07
CA GLU A 146 -11.10 7.35 16.14
C GLU A 146 -9.86 8.07 15.57
N GLY A 147 -9.78 8.19 14.25
CA GLY A 147 -8.62 8.81 13.57
C GLY A 147 -7.51 7.83 13.31
N ALA A 148 -7.70 6.54 13.50
CA ALA A 148 -6.69 5.51 13.15
C ALA A 148 -6.78 5.16 11.68
N ILE A 149 -5.59 4.74 11.16
CA ILE A 149 -5.50 4.09 9.86
C ILE A 149 -4.59 2.88 10.00
N LYS A 150 -4.94 1.83 9.27
CA LYS A 150 -4.28 0.54 9.41
C LYS A 150 -4.03 -0.06 8.04
N LEU A 151 -2.93 -0.78 7.97
CA LEU A 151 -2.56 -1.48 6.71
C LEU A 151 -3.18 -2.89 6.72
N ALA A 152 -3.90 -3.18 5.67
CA ALA A 152 -4.56 -4.48 5.44
C ALA A 152 -3.72 -5.33 4.48
N ASP A 153 -3.81 -6.62 4.63
CA ASP A 153 -3.26 -7.62 3.70
C ASP A 153 -1.72 -7.65 3.72
N PHE A 154 -1.10 -7.19 4.81
CA PHE A 154 0.38 -7.22 4.89
C PHE A 154 0.89 -8.67 4.98
N GLY A 155 1.84 -9.03 4.10
CA GLY A 155 2.44 -10.37 4.07
C GLY A 155 1.77 -11.29 3.08
N LEU A 156 0.61 -10.95 2.50
CA LEU A 156 -0.11 -11.87 1.61
C LEU A 156 0.58 -12.00 0.24
N ALA A 157 1.21 -10.93 -0.26
CA ALA A 157 1.85 -10.97 -1.58
C ALA A 157 2.99 -12.02 -1.57
N ARG A 158 3.80 -12.03 -0.52
CA ARG A 158 4.90 -13.00 -0.40
C ARG A 158 4.34 -14.45 -0.38
N ALA A 159 3.20 -14.66 0.25
CA ALA A 159 2.54 -15.99 0.28
C ALA A 159 1.99 -16.42 -1.11
N PHE A 160 1.18 -15.60 -1.76
CA PHE A 160 0.35 -15.98 -2.93
C PHE A 160 0.82 -15.34 -4.25
N GLY A 161 1.75 -14.38 -4.21
CA GLY A 161 2.08 -13.55 -5.39
C GLY A 161 1.12 -12.39 -5.58
N VAL A 162 1.48 -11.49 -6.49
CA VAL A 162 0.61 -10.37 -6.94
C VAL A 162 0.24 -10.70 -8.38
N PRO A 163 -1.03 -11.07 -8.67
CA PRO A 163 -1.39 -11.49 -10.01
C PRO A 163 -1.59 -10.28 -10.92
N VAL A 164 -1.67 -10.49 -12.23
CA VAL A 164 -2.01 -9.39 -13.18
C VAL A 164 -3.49 -9.04 -13.00
N ARG A 165 -4.34 -10.07 -12.90
CA ARG A 165 -5.80 -9.93 -12.72
C ARG A 165 -6.26 -10.60 -11.42
N THR A 166 -7.31 -10.05 -10.81
CA THR A 166 -7.97 -10.68 -9.64
C THR A 166 -8.76 -11.88 -10.11
N TYR A 167 -9.34 -12.55 -9.12
CA TYR A 167 -10.18 -13.75 -9.33
C TYR A 167 -11.40 -13.41 -10.19
N THR A 168 -11.83 -12.15 -10.23
CA THR A 168 -12.99 -11.66 -11.02
C THR A 168 -12.52 -10.95 -12.29
N HIS A 169 -11.23 -11.08 -12.64
CA HIS A 169 -10.63 -10.54 -13.89
C HIS A 169 -10.33 -9.05 -13.75
N GLU A 170 -10.60 -8.42 -12.61
N GLU A 170 -10.57 -8.41 -12.60
CA GLU A 170 -10.22 -7.00 -12.39
CA GLU A 170 -10.24 -6.96 -12.38
C GLU A 170 -8.71 -6.83 -12.59
C GLU A 170 -8.73 -6.75 -12.42
N VAL A 171 -8.32 -5.66 -13.07
CA VAL A 171 -6.88 -5.39 -13.29
C VAL A 171 -6.31 -4.97 -11.94
N VAL A 172 -5.28 -5.66 -11.51
CA VAL A 172 -4.58 -5.24 -10.27
C VAL A 172 -3.81 -3.94 -10.60
N THR A 173 -3.96 -2.93 -9.80
CA THR A 173 -3.41 -1.60 -10.11
C THR A 173 -1.87 -1.65 -10.09
N LEU A 174 -1.28 -0.92 -11.04
CA LEU A 174 0.21 -0.73 -11.11
C LEU A 174 0.59 0.60 -10.48
N TRP A 175 -0.33 1.44 -10.07
CA TRP A 175 -0.06 2.86 -9.85
C TRP A 175 0.95 3.08 -8.74
N TYR A 176 1.04 2.15 -7.79
CA TYR A 176 1.84 2.28 -6.58
C TYR A 176 3.12 1.41 -6.64
N ARG A 177 3.36 0.82 -7.81
CA ARG A 177 4.45 -0.15 -7.91
C ARG A 177 5.84 0.56 -8.05
N ALA A 178 6.78 0.14 -7.24
CA ALA A 178 8.16 0.69 -7.25
C ALA A 178 8.86 0.39 -8.58
N PRO A 179 9.80 1.32 -9.00
CA PRO A 179 10.42 1.18 -10.29
C PRO A 179 11.30 -0.08 -10.34
N GLU A 180 11.90 -0.47 -9.24
CA GLU A 180 12.75 -1.66 -9.31
C GLU A 180 11.94 -2.93 -9.66
N ILE A 181 10.67 -2.94 -9.24
CA ILE A 181 9.78 -4.08 -9.59
C ILE A 181 9.52 -4.02 -11.10
N LEU A 182 9.13 -2.86 -11.58
CA LEU A 182 8.81 -2.66 -13.00
C LEU A 182 10.02 -3.03 -13.89
N LEU A 183 11.22 -2.73 -13.38
CA LEU A 183 12.47 -2.99 -14.15
C LEU A 183 13.00 -4.41 -13.95
N GLY A 184 12.26 -5.27 -13.28
CA GLY A 184 12.49 -6.71 -13.25
C GLY A 184 13.42 -7.19 -12.14
N OCS A 185 13.66 -6.37 -11.11
CA OCS A 185 14.48 -6.79 -9.98
CB OCS A 185 14.79 -5.65 -9.04
SG OCS A 185 15.92 -5.82 -7.68
C OCS A 185 13.75 -7.97 -9.34
O OCS A 185 12.53 -7.91 -9.11
OD1 OCS A 185 15.35 -6.89 -6.79
OD2 OCS A 185 17.16 -6.28 -8.24
OD3 OCS A 185 15.91 -4.49 -7.05
N LYS A 186 14.51 -9.03 -9.04
CA LYS A 186 13.97 -10.24 -8.43
C LYS A 186 13.83 -10.11 -6.90
N TYR A 187 14.75 -9.36 -6.29
CA TYR A 187 14.78 -9.27 -4.81
C TYR A 187 14.05 -8.02 -4.33
N TYR A 188 12.86 -8.20 -3.77
CA TYR A 188 12.14 -6.99 -3.28
C TYR A 188 12.87 -6.60 -2.04
N SER A 189 12.90 -5.33 -1.70
CA SER A 189 13.25 -4.89 -0.34
C SER A 189 12.03 -4.15 0.27
N THR A 190 12.21 -3.80 1.50
CA THR A 190 11.23 -2.98 2.21
C THR A 190 11.04 -1.64 1.55
N ALA A 191 12.02 -1.17 0.78
CA ALA A 191 11.89 0.11 0.06
C ALA A 191 10.66 0.13 -0.86
N VAL A 192 10.25 -1.02 -1.35
CA VAL A 192 9.07 -0.99 -2.27
C VAL A 192 7.83 -0.40 -1.56
N ASP A 193 7.73 -0.63 -0.27
CA ASP A 193 6.55 -0.14 0.49
C ASP A 193 6.63 1.33 0.75
N ILE A 194 7.88 1.87 0.92
CA ILE A 194 8.07 3.33 1.08
C ILE A 194 7.69 4.04 -0.23
N TRP A 195 8.07 3.46 -1.36
CA TRP A 195 7.67 4.02 -2.64
C TRP A 195 6.14 4.14 -2.73
N SER A 196 5.48 3.01 -2.47
CA SER A 196 3.99 2.98 -2.57
C SER A 196 3.37 4.04 -1.66
N LEU A 197 3.87 4.08 -0.44
CA LEU A 197 3.30 5.04 0.52
C LEU A 197 3.55 6.48 0.06
N GLY A 198 4.76 6.76 -0.55
CA GLY A 198 4.98 8.11 -1.11
C GLY A 198 3.99 8.45 -2.19
N CYS A 199 3.68 7.50 -3.06
CA CYS A 199 2.70 7.75 -4.11
C CYS A 199 1.30 8.06 -3.45
N ILE A 200 0.99 7.34 -2.38
CA ILE A 200 -0.31 7.57 -1.69
C ILE A 200 -0.32 8.92 -1.02
N PHE A 201 0.79 9.30 -0.37
CA PHE A 201 0.93 10.62 0.21
C PHE A 201 0.61 11.70 -0.80
N ALA A 202 1.33 11.64 -1.93
CA ALA A 202 1.07 12.60 -3.02
C ALA A 202 -0.41 12.68 -3.44
N GLU A 203 -1.01 11.51 -3.55
CA GLU A 203 -2.44 11.46 -3.98
C GLU A 203 -3.37 12.09 -2.92
N MET A 204 -3.06 11.86 -1.64
CA MET A 204 -3.91 12.53 -0.63
C MET A 204 -3.79 14.06 -0.77
N VAL A 205 -2.57 14.58 -1.02
CA VAL A 205 -2.32 16.03 -1.08
C VAL A 205 -2.97 16.63 -2.32
N THR A 206 -2.78 16.02 -3.47
CA THR A 206 -3.21 16.62 -4.74
C THR A 206 -4.61 16.22 -5.19
N ARG A 207 -5.12 15.15 -4.60
CA ARG A 207 -6.48 14.60 -4.92
C ARG A 207 -6.52 13.96 -6.30
N ARG A 208 -5.34 13.57 -6.77
CA ARG A 208 -5.10 12.86 -8.08
CA ARG A 208 -5.17 12.84 -8.09
C ARG A 208 -3.86 11.89 -8.21
N ALA A 209 -4.21 10.62 -8.47
CA ALA A 209 -3.12 9.63 -8.41
C ALA A 209 -1.87 10.28 -9.04
N LEU A 210 -0.75 9.93 -8.49
CA LEU A 210 0.55 10.52 -8.96
C LEU A 210 0.98 9.88 -10.27
N PHE A 211 0.91 8.57 -10.38
CA PHE A 211 1.35 7.81 -11.55
C PHE A 211 0.29 6.77 -11.95
N PRO A 212 -0.78 7.22 -12.64
CA PRO A 212 -1.89 6.28 -12.92
C PRO A 212 -1.65 5.51 -14.22
N GLY A 213 -0.63 4.66 -14.21
CA GLY A 213 -0.30 3.88 -15.40
C GLY A 213 -1.36 2.85 -15.74
N ASP A 214 -1.44 2.51 -17.01
CA ASP A 214 -2.44 1.52 -17.43
C ASP A 214 -1.80 0.35 -18.13
N SER A 215 -0.47 0.25 -18.03
CA SER A 215 0.34 -0.88 -18.49
C SER A 215 1.70 -0.72 -17.82
N GLU A 216 2.53 -1.76 -17.91
CA GLU A 216 3.88 -1.77 -17.27
C GLU A 216 4.75 -0.63 -17.82
N ILE A 217 4.69 -0.39 -19.13
CA ILE A 217 5.52 0.66 -19.75
C ILE A 217 4.93 2.03 -19.52
N ASP A 218 3.59 2.16 -19.51
CA ASP A 218 2.97 3.46 -19.22
C ASP A 218 3.32 3.83 -17.78
N GLN A 219 3.27 2.86 -16.85
CA GLN A 219 3.61 3.13 -15.46
C GLN A 219 5.06 3.66 -15.38
N LEU A 220 5.93 2.86 -15.94
N LEU A 220 6.04 2.97 -15.98
CA LEU A 220 7.36 3.22 -15.94
CA LEU A 220 7.46 3.44 -15.92
C LEU A 220 7.63 4.61 -16.52
C LEU A 220 7.61 4.82 -16.52
N PHE A 221 7.00 4.94 -17.72
CA PHE A 221 7.22 6.23 -18.44
C PHE A 221 6.53 7.37 -17.69
N ARG A 222 5.42 7.10 -16.96
CA ARG A 222 4.88 8.20 -16.12
C ARG A 222 5.84 8.56 -15.00
N ILE A 223 6.41 7.54 -14.37
CA ILE A 223 7.42 7.80 -13.32
C ILE A 223 8.57 8.63 -13.96
N PHE A 224 9.05 8.19 -15.11
CA PHE A 224 10.20 8.87 -15.77
C PHE A 224 9.87 10.32 -16.11
N ARG A 225 8.64 10.58 -16.55
N ARG A 225 8.66 10.60 -16.63
CA ARG A 225 8.31 11.95 -17.07
CA ARG A 225 8.26 11.98 -17.06
C ARG A 225 8.16 12.92 -15.89
C ARG A 225 8.35 12.90 -15.84
N THR A 226 8.00 12.41 -14.65
CA THR A 226 7.96 13.27 -13.45
C THR A 226 9.34 13.32 -12.77
N LEU A 227 10.00 12.19 -12.56
CA LEU A 227 11.19 12.13 -11.72
C LEU A 227 12.49 12.15 -12.58
N GLY A 228 12.34 12.14 -13.88
CA GLY A 228 13.45 12.00 -14.85
C GLY A 228 13.71 10.57 -15.20
N THR A 229 14.17 10.28 -16.40
CA THR A 229 14.61 8.93 -16.70
C THR A 229 15.79 8.59 -15.86
N PRO A 230 15.83 7.48 -15.13
CA PRO A 230 16.93 7.19 -14.25
C PRO A 230 18.15 6.81 -15.11
N ASP A 231 19.30 7.07 -14.50
CA ASP A 231 20.60 6.76 -15.14
C ASP A 231 21.53 6.24 -14.07
N GLU A 232 22.77 5.96 -14.49
CA GLU A 232 23.76 5.42 -13.54
C GLU A 232 24.18 6.47 -12.53
N VAL A 233 23.97 7.77 -12.77
CA VAL A 233 24.33 8.80 -11.77
C VAL A 233 23.39 8.71 -10.57
N VAL A 234 22.08 8.65 -10.81
CA VAL A 234 21.11 8.67 -9.68
C VAL A 234 20.85 7.25 -9.19
N TRP A 235 21.11 6.24 -10.02
CA TRP A 235 20.78 4.84 -9.67
C TRP A 235 21.84 3.92 -10.22
N PRO A 236 22.92 3.75 -9.45
CA PRO A 236 23.98 2.89 -9.94
C PRO A 236 23.40 1.49 -10.11
N GLY A 237 23.64 0.93 -11.28
CA GLY A 237 23.20 -0.43 -11.58
C GLY A 237 21.95 -0.44 -12.42
N VAL A 238 21.23 0.67 -12.57
CA VAL A 238 19.91 0.62 -13.21
C VAL A 238 20.02 0.12 -14.63
N THR A 239 21.08 0.45 -15.40
CA THR A 239 21.15 0.12 -16.83
C THR A 239 21.40 -1.39 -17.01
N SER A 240 21.69 -2.14 -15.93
CA SER A 240 21.90 -3.60 -15.99
C SER A 240 20.65 -4.34 -15.49
N MET A 241 19.56 -3.63 -15.19
CA MET A 241 18.30 -4.27 -14.68
CA MET A 241 18.38 -4.37 -14.67
C MET A 241 17.70 -5.11 -15.81
N PRO A 242 17.06 -6.27 -15.50
CA PRO A 242 16.52 -7.15 -16.55
C PRO A 242 15.69 -6.45 -17.63
N ASP A 243 14.79 -5.55 -17.24
CA ASP A 243 13.83 -4.95 -18.20
C ASP A 243 14.24 -3.52 -18.55
N TYR A 244 15.45 -3.09 -18.17
CA TYR A 244 15.94 -1.79 -18.64
C TYR A 244 16.24 -1.89 -20.13
N LYS A 245 15.88 -0.83 -20.84
CA LYS A 245 16.24 -0.77 -22.27
CA LYS A 245 16.08 -0.68 -22.30
C LYS A 245 16.89 0.59 -22.52
N PRO A 246 18.06 0.52 -23.19
CA PRO A 246 18.76 1.74 -23.56
C PRO A 246 17.96 2.72 -24.41
N SER A 247 16.91 2.19 -25.07
CA SER A 247 16.04 2.98 -25.95
C SER A 247 14.93 3.68 -25.13
N PHE A 248 14.93 3.57 -23.82
CA PHE A 248 13.94 4.37 -23.06
C PHE A 248 14.13 5.84 -23.38
N PRO A 249 13.07 6.63 -23.62
CA PRO A 249 13.24 8.06 -23.78
C PRO A 249 13.87 8.70 -22.53
N LYS A 250 14.62 9.79 -22.76
CA LYS A 250 15.30 10.52 -21.68
C LYS A 250 14.51 11.78 -21.34
N TRP A 251 13.73 11.72 -20.27
CA TRP A 251 12.97 12.87 -19.78
C TRP A 251 13.71 13.54 -18.64
N ALA A 252 13.60 14.87 -18.53
CA ALA A 252 14.27 15.63 -17.46
C ALA A 252 13.48 15.49 -16.15
N ARG A 253 14.09 15.85 -15.02
CA ARG A 253 13.42 15.76 -13.69
C ARG A 253 12.59 17.02 -13.46
N GLN A 254 11.39 16.85 -12.90
CA GLN A 254 10.48 18.00 -12.62
C GLN A 254 10.62 18.40 -11.15
N ASP A 255 10.31 19.66 -10.82
CA ASP A 255 10.40 20.16 -9.43
C ASP A 255 9.14 19.74 -8.65
N PHE A 256 9.33 19.19 -7.46
CA PHE A 256 8.18 18.74 -6.60
C PHE A 256 7.19 19.85 -6.37
N SER A 257 7.66 21.11 -6.40
CA SER A 257 6.79 22.28 -6.25
C SER A 257 5.71 22.20 -7.31
N LYS A 258 6.01 21.65 -8.49
CA LYS A 258 4.98 21.55 -9.54
CA LYS A 258 5.05 21.49 -9.60
C LYS A 258 4.17 20.26 -9.37
N VAL A 259 4.76 19.24 -8.81
CA VAL A 259 4.14 17.92 -8.71
C VAL A 259 3.11 17.86 -7.58
N VAL A 260 3.42 18.34 -6.39
CA VAL A 260 2.46 18.24 -5.26
C VAL A 260 2.19 19.59 -4.60
N PRO A 261 1.86 20.68 -5.34
CA PRO A 261 1.37 21.87 -4.66
C PRO A 261 0.05 21.53 -3.96
N PRO A 262 -0.24 22.15 -2.79
CA PRO A 262 0.63 23.17 -2.20
C PRO A 262 1.44 22.68 -1.00
N LEU A 263 1.86 21.41 -1.02
CA LEU A 263 2.66 20.81 0.08
C LEU A 263 3.78 21.80 0.46
N ASP A 264 4.24 21.74 1.72
CA ASP A 264 5.32 22.63 2.20
C ASP A 264 6.69 22.00 1.90
N GLU A 265 7.75 22.76 2.19
CA GLU A 265 9.15 22.20 1.97
CA GLU A 265 9.16 22.25 2.08
C GLU A 265 9.60 20.98 2.89
N ASP A 266 8.89 20.91 4.04
CA ASP A 266 9.03 19.74 4.93
C ASP A 266 8.42 18.51 4.25
N GLY A 267 7.22 18.64 3.69
CA GLY A 267 6.54 17.52 3.03
C GLY A 267 7.17 17.15 1.70
N ARG A 268 7.55 18.18 0.93
CA ARG A 268 8.20 17.99 -0.40
C ARG A 268 9.54 17.27 -0.19
N SER A 269 10.28 17.65 0.85
CA SER A 269 11.58 17.00 1.15
C SER A 269 11.36 15.53 1.49
N LEU A 270 10.39 15.29 2.40
CA LEU A 270 10.12 13.88 2.79
C LEU A 270 9.66 13.05 1.57
N LEU A 271 8.76 13.60 0.77
CA LEU A 271 8.23 12.87 -0.40
C LEU A 271 9.40 12.53 -1.33
N SER A 272 10.30 13.48 -1.55
CA SER A 272 11.44 13.24 -2.48
CA SER A 272 11.45 13.26 -2.49
C SER A 272 12.28 12.07 -1.96
N GLN A 273 12.47 11.99 -0.64
CA GLN A 273 13.24 10.88 -0.07
C GLN A 273 12.50 9.55 -0.21
N MET A 274 11.15 9.60 -0.18
CA MET A 274 10.36 8.37 -0.33
C MET A 274 10.31 7.86 -1.77
N LEU A 275 10.61 8.78 -2.70
CA LEU A 275 10.56 8.48 -4.15
C LEU A 275 11.97 8.51 -4.77
N HIS A 276 13.00 8.31 -3.98
CA HIS A 276 14.34 8.08 -4.59
C HIS A 276 14.29 6.88 -5.49
N TYR A 277 14.94 6.95 -6.65
CA TYR A 277 14.99 5.79 -7.53
C TYR A 277 15.72 4.63 -6.86
N ASP A 278 16.93 4.90 -6.36
CA ASP A 278 17.77 3.83 -5.82
C ASP A 278 17.13 3.31 -4.55
N PRO A 279 16.72 2.04 -4.48
CA PRO A 279 16.05 1.58 -3.27
C PRO A 279 16.96 1.64 -2.06
N ASN A 280 18.28 1.69 -2.25
N ASN A 280 18.28 1.57 -2.27
CA ASN A 280 19.19 1.78 -1.08
CA ASN A 280 19.25 1.67 -1.16
C ASN A 280 19.26 3.18 -0.53
C ASN A 280 19.25 3.11 -0.58
N LYS A 281 18.93 4.15 -1.37
CA LYS A 281 18.94 5.61 -1.00
C LYS A 281 17.59 5.95 -0.37
N ARG A 282 16.53 5.26 -0.76
CA ARG A 282 15.14 5.63 -0.37
C ARG A 282 15.06 5.61 1.17
N ILE A 283 14.41 6.60 1.72
CA ILE A 283 14.30 6.67 3.21
C ILE A 283 13.61 5.41 3.76
N SER A 284 14.06 4.99 4.92
CA SER A 284 13.37 3.92 5.69
C SER A 284 12.15 4.51 6.40
N ALA A 285 11.25 3.61 6.80
CA ALA A 285 10.07 4.02 7.60
C ALA A 285 10.56 4.63 8.92
N LYS A 286 11.55 4.01 9.55
CA LYS A 286 12.08 4.48 10.83
C LYS A 286 12.62 5.90 10.68
N ALA A 287 13.45 6.13 9.65
CA ALA A 287 14.05 7.46 9.45
C ALA A 287 12.98 8.47 9.08
N ALA A 288 11.98 8.04 8.32
CA ALA A 288 10.90 8.97 7.92
C ALA A 288 10.11 9.47 9.17
N LEU A 289 9.97 8.60 10.18
CA LEU A 289 9.25 9.02 11.41
C LEU A 289 9.96 10.19 12.10
N ALA A 290 11.27 10.31 11.91
CA ALA A 290 12.10 11.36 12.53
C ALA A 290 12.19 12.62 11.65
N HIS A 291 11.55 12.63 10.50
CA HIS A 291 11.62 13.76 9.58
C HIS A 291 10.97 14.98 10.19
N PRO A 292 11.47 16.20 9.95
CA PRO A 292 10.85 17.42 10.48
C PRO A 292 9.41 17.64 10.08
N PHE A 293 8.95 17.04 8.99
CA PHE A 293 7.50 17.10 8.60
C PHE A 293 6.61 16.68 9.78
N PHE A 294 7.08 15.77 10.63
CA PHE A 294 6.21 15.22 11.71
C PHE A 294 6.40 15.94 13.03
N GLN A 295 7.15 17.04 13.06
CA GLN A 295 7.36 17.82 14.27
C GLN A 295 6.03 18.24 14.89
N ASP A 296 5.06 18.66 14.08
CA ASP A 296 3.77 19.19 14.60
C ASP A 296 2.66 18.17 14.39
N VAL A 297 2.95 16.88 14.34
CA VAL A 297 1.90 15.88 14.04
C VAL A 297 0.93 15.81 15.24
N THR A 298 -0.33 15.59 14.87
CA THR A 298 -1.49 15.44 15.79
C THR A 298 -2.31 14.24 15.30
N LYS A 299 -3.37 13.94 16.03
CA LYS A 299 -4.27 12.84 15.66
C LYS A 299 -5.68 13.45 15.58
N PRO A 300 -6.08 14.09 14.48
CA PRO A 300 -7.43 14.57 14.32
C PRO A 300 -8.43 13.44 14.12
N VAL A 301 -9.71 13.76 14.39
CA VAL A 301 -10.95 12.95 14.12
C VAL A 301 -11.41 13.23 12.69
N PRO A 302 -11.55 12.21 11.85
CA PRO A 302 -12.10 12.44 10.51
C PRO A 302 -13.61 12.45 10.69
N HIS A 303 -14.33 13.12 9.82
CA HIS A 303 -15.80 13.03 9.80
C HIS A 303 -16.10 11.82 8.92
N LEU A 304 -16.65 10.74 9.50
CA LEU A 304 -17.04 9.53 8.76
C LEU A 304 -18.55 9.37 8.81
N ARG A 305 -19.13 9.16 7.63
CA ARG A 305 -20.55 8.84 7.41
C ARG A 305 -20.60 7.34 7.19
N LEU A 306 -20.93 6.59 8.25
CA LEU A 306 -21.02 5.11 8.20
C LEU A 306 -22.48 4.70 7.99
N1 26D B . -13.81 -3.98 6.08
C3 26D B . -12.70 -4.58 5.83
N3 26D B . -12.01 -5.04 6.90
C5 26D B . -12.23 -4.67 4.50
C6 26D B . -11.01 -5.26 4.28
C4 26D B . -10.27 -5.72 5.35
C2 26D B . -10.79 -5.59 6.64
N2 26D B . -10.10 -6.01 7.66
#